data_6A2B
#
_entry.id   6A2B
#
_cell.length_a   59.139
_cell.length_b   68.220
_cell.length_c   107.809
_cell.angle_alpha   90.00
_cell.angle_beta   90.00
_cell.angle_gamma   90.00
#
_symmetry.space_group_name_H-M   'P 21 21 21'
#
loop_
_entity.id
_entity.type
_entity.pdbx_description
1 polymer 'MHC class I antigen'
2 polymer Beta-2-microglobulin
3 polymer TYR-MET-MET-PRO-ARG-HIS-TRP-PRO-ILE
#
loop_
_entity_poly.entity_id
_entity_poly.type
_entity_poly.pdbx_seq_one_letter_code
_entity_poly.pdbx_strand_id
1 'polypeptide(L)'
;GSHSLRYYYTAVSDRAFGLPEFSIVGYVDDTQSFRYNSDNQKAEPATQWMKQKEGPEYWEQQTQIAKGSEPVHKHDVKTA
MDRFNQTSGTHSLQVMYGCELREDNSIRSYHQYGYDGREFIALDTERWVYVPSVREAQLTEQKWNSPEVNAPERNKNYLQ
NLCIEGLKRYLSYGRAELERRVHPHVRISDHQSDDATELRCHAYGFYPREIDVKWVKNGRADVHSEAAKEILPNPDGSYQ
LRVTAEITPSEGDSYACHVEHSSLKEKLIVVW
;
A
2 'polypeptide(L)'
;ISPPVVKVYTAEPVDFGKTNEVICYVYNYHPPRLEMRLEKNGVEIPDCKQTDPSFQHNWKYYTTKSTHVHIDKGDKVECV
VSHNGNPSKKYRLD
;
B
3 'polypeptide(L)' YMMPRHWPI C
#
# COMPACT_ATOMS: atom_id res chain seq x y z
N GLY A 1 -15.55 -10.70 -2.72
CA GLY A 1 -16.29 -11.60 -1.79
C GLY A 1 -16.17 -11.14 -0.37
N SER A 2 -15.02 -11.41 0.26
CA SER A 2 -14.73 -10.92 1.60
C SER A 2 -14.37 -9.42 1.63
N HIS A 3 -14.42 -8.86 2.83
CA HIS A 3 -14.11 -7.45 3.10
C HIS A 3 -13.27 -7.43 4.37
N SER A 4 -12.31 -6.51 4.47
CA SER A 4 -11.42 -6.41 5.66
C SER A 4 -11.21 -4.98 6.22
N LEU A 5 -11.27 -4.87 7.54
CA LEU A 5 -10.75 -3.71 8.26
C LEU A 5 -9.38 -4.12 8.82
N ARG A 6 -8.38 -3.28 8.69
CA ARG A 6 -7.09 -3.62 9.24
C ARG A 6 -6.19 -2.41 9.43
N TYR A 7 -5.46 -2.44 10.57
CA TYR A 7 -4.62 -1.35 11.09
C TYR A 7 -3.11 -1.67 10.99
N TYR A 8 -2.32 -0.65 10.64
CA TYR A 8 -0.87 -0.78 10.49
C TYR A 8 -0.13 0.25 11.38
N TYR A 9 0.62 -0.23 12.36
CA TYR A 9 1.43 0.65 13.18
C TYR A 9 2.89 0.55 12.77
N THR A 10 3.57 1.69 12.77
CA THR A 10 4.99 1.79 12.48
C THR A 10 5.52 2.76 13.53
N ALA A 11 6.60 2.33 14.20
CA ALA A 11 7.21 3.08 15.29
C ALA A 11 8.66 2.98 15.08
N VAL A 12 9.36 4.08 15.27
CA VAL A 12 10.78 4.15 15.00
C VAL A 12 11.59 4.81 16.17
N SER A 13 12.83 4.38 16.35
CA SER A 13 13.69 4.79 17.51
C SER A 13 14.28 6.18 17.41
N ASP A 14 14.54 6.67 16.20
CA ASP A 14 14.91 8.08 15.95
C ASP A 14 14.01 8.48 14.79
N ARG A 15 13.40 9.65 14.84
CA ARG A 15 12.65 10.16 13.68
C ARG A 15 13.56 10.58 12.50
N ALA A 16 12.94 10.82 11.35
CA ALA A 16 13.63 11.30 10.12
C ALA A 16 12.70 12.22 9.36
N PHE A 17 13.14 12.80 8.25
CA PHE A 17 12.27 13.73 7.50
C PHE A 17 11.09 12.97 6.88
N GLY A 18 9.87 13.41 7.19
CA GLY A 18 8.64 12.73 6.73
C GLY A 18 8.03 11.83 7.80
N LEU A 19 8.86 10.95 8.39
CA LEU A 19 8.49 10.10 9.54
C LEU A 19 8.40 10.80 10.91
N PRO A 20 7.20 10.79 11.52
CA PRO A 20 7.13 11.04 12.97
C PRO A 20 7.57 9.77 13.72
N GLU A 21 7.85 9.86 15.02
CA GLU A 21 8.27 8.67 15.78
C GLU A 21 7.21 7.55 15.79
N PHE A 22 5.93 7.92 15.65
CA PHE A 22 4.85 6.96 15.62
C PHE A 22 3.67 7.38 14.73
N SER A 23 3.07 6.41 14.06
CA SER A 23 1.99 6.69 13.13
C SER A 23 1.22 5.45 12.74
N ILE A 24 -0.02 5.71 12.37
CA ILE A 24 -1.02 4.69 12.18
C ILE A 24 -1.74 5.02 10.91
N VAL A 25 -2.05 3.98 10.17
CA VAL A 25 -3.08 4.00 9.14
C VAL A 25 -3.86 2.70 9.20
N GLY A 26 -5.17 2.81 9.02
CA GLY A 26 -6.06 1.68 8.97
C GLY A 26 -6.79 1.68 7.65
N TYR A 27 -6.69 0.57 6.93
CA TYR A 27 -7.46 0.32 5.73
C TYR A 27 -8.78 -0.31 6.08
N VAL A 28 -9.83 0.18 5.44
CA VAL A 28 -11.06 -0.58 5.23
C VAL A 28 -10.97 -1.08 3.81
N ASP A 29 -10.48 -2.30 3.64
CA ASP A 29 -10.67 -3.03 2.42
C ASP A 29 -10.30 -2.16 1.25
N ASP A 30 -9.02 -1.92 1.02
CA ASP A 30 -8.53 -1.28 -0.23
C ASP A 30 -8.38 0.27 -0.13
N THR A 31 -9.33 0.92 0.54
CA THR A 31 -9.28 2.37 0.77
C THR A 31 -8.59 2.63 2.12
N GLN A 32 -7.96 3.79 2.22
CA GLN A 32 -7.08 4.11 3.35
C GLN A 32 -7.77 4.73 4.58
N SER A 33 -8.96 5.26 4.44
CA SER A 33 -9.87 5.34 5.62
C SER A 33 -9.44 6.07 6.93
N PHE A 34 -8.47 5.54 7.69
CA PHE A 34 -8.01 6.18 8.95
C PHE A 34 -6.54 6.56 8.95
N ARG A 35 -6.21 7.53 9.79
CA ARG A 35 -4.84 8.06 9.89
C ARG A 35 -4.57 8.74 11.24
N TYR A 36 -3.35 8.57 11.74
CA TYR A 36 -2.88 9.19 12.98
C TYR A 36 -1.35 9.26 12.94
N ASN A 37 -0.78 10.29 13.55
CA ASN A 37 0.65 10.32 13.79
C ASN A 37 0.96 11.24 14.98
N SER A 38 2.14 11.02 15.52
CA SER A 38 2.52 11.61 16.78
C SER A 38 2.78 13.11 16.73
N ASP A 39 3.04 13.69 15.57
CA ASP A 39 3.02 15.17 15.42
C ASP A 39 1.54 15.53 15.36
N ASN A 40 1.12 16.53 16.13
CA ASN A 40 -0.30 16.90 16.27
C ASN A 40 -1.23 15.70 16.50
N GLN A 41 -1.20 15.15 17.71
CA GLN A 41 -1.81 13.85 18.01
C GLN A 41 -3.33 13.79 17.82
N LYS A 42 -3.79 13.52 16.59
CA LYS A 42 -5.23 13.45 16.25
C LYS A 42 -5.55 12.33 15.27
N ALA A 43 -6.67 11.65 15.49
CA ALA A 43 -7.14 10.63 14.55
C ALA A 43 -8.13 11.22 13.52
N GLU A 44 -7.80 11.00 12.25
CA GLU A 44 -8.42 11.67 11.12
C GLU A 44 -9.02 10.64 10.17
N PRO A 45 -10.10 11.02 9.47
CA PRO A 45 -10.51 10.22 8.32
C PRO A 45 -9.59 10.53 7.13
N ALA A 46 -9.42 9.55 6.22
CA ALA A 46 -8.50 9.68 5.07
C ALA A 46 -9.14 9.16 3.75
N THR A 47 -10.14 9.91 3.32
CA THR A 47 -11.12 9.56 2.28
C THR A 47 -12.41 10.34 2.62
N GLN A 48 -13.04 10.91 1.59
CA GLN A 48 -14.23 11.76 1.74
C GLN A 48 -15.37 11.05 2.50
N TRP A 49 -15.59 9.76 2.19
CA TRP A 49 -16.78 9.09 2.68
C TRP A 49 -16.77 8.74 4.16
N MET A 50 -15.61 8.84 4.80
CA MET A 50 -15.53 8.84 6.28
C MET A 50 -15.83 10.20 6.92
N LYS A 51 -15.60 11.32 6.20
CA LYS A 51 -15.93 12.64 6.73
C LYS A 51 -17.44 12.78 7.01
N GLN A 52 -17.78 13.37 8.16
CA GLN A 52 -19.16 13.71 8.57
C GLN A 52 -20.10 12.52 8.75
N LYS A 53 -19.56 11.33 9.06
CA LYS A 53 -20.39 10.11 9.28
C LYS A 53 -20.54 9.67 10.73
N GLU A 54 -19.49 9.83 11.54
CA GLU A 54 -19.49 9.56 12.99
C GLU A 54 -19.26 10.86 13.75
N GLY A 55 -19.91 11.02 14.90
CA GLY A 55 -19.85 12.27 15.67
C GLY A 55 -18.49 12.60 16.30
N PRO A 56 -18.36 13.81 16.90
CA PRO A 56 -17.12 14.23 17.61
C PRO A 56 -16.70 13.33 18.77
N GLU A 57 -17.71 12.87 19.52
CA GLU A 57 -17.67 11.71 20.44
C GLU A 57 -16.68 10.56 20.04
N TYR A 58 -17.06 9.68 19.11
CA TYR A 58 -16.11 8.89 18.29
C TYR A 58 -15.09 9.88 17.77
N TRP A 59 -13.86 9.43 17.54
CA TRP A 59 -12.74 10.27 17.04
C TRP A 59 -11.90 10.73 18.22
N GLU A 60 -12.53 11.38 19.19
CA GLU A 60 -11.86 11.67 20.48
C GLU A 60 -11.72 10.39 21.27
N GLN A 61 -12.70 9.50 21.17
CA GLN A 61 -12.55 8.13 21.66
C GLN A 61 -11.30 7.53 21.02
N GLN A 62 -11.22 7.59 19.68
CA GLN A 62 -10.09 7.02 18.89
C GLN A 62 -8.75 7.72 19.12
N THR A 63 -8.77 9.04 19.23
CA THR A 63 -7.55 9.79 19.48
C THR A 63 -6.95 9.38 20.82
N GLN A 64 -7.80 9.11 21.81
CA GLN A 64 -7.30 8.65 23.09
C GLN A 64 -6.69 7.24 23.00
N ILE A 65 -7.28 6.30 22.26
CA ILE A 65 -6.66 4.97 22.15
C ILE A 65 -5.24 5.13 21.57
N ALA A 66 -5.14 5.89 20.49
CA ALA A 66 -3.89 6.17 19.79
C ALA A 66 -2.83 6.90 20.62
N LYS A 67 -3.22 7.98 21.31
CA LYS A 67 -2.31 8.67 22.26
C LYS A 67 -1.83 7.80 23.41
N GLY A 68 -2.56 6.70 23.67
CA GLY A 68 -2.20 5.70 24.68
C GLY A 68 -1.28 4.61 24.17
N SER A 69 -1.49 4.18 22.93
CA SER A 69 -0.62 3.21 22.28
C SER A 69 0.73 3.80 21.83
N GLU A 70 0.83 5.12 21.74
CA GLU A 70 2.03 5.77 21.22
C GLU A 70 3.28 5.52 22.11
N PRO A 71 3.25 5.97 23.39
CA PRO A 71 4.38 5.73 24.29
C PRO A 71 4.78 4.26 24.56
N VAL A 72 3.79 3.39 24.69
CA VAL A 72 4.03 1.95 24.70
C VAL A 72 4.14 1.53 23.25
N HIS A 73 5.35 1.56 22.73
CA HIS A 73 5.69 1.24 21.34
C HIS A 73 6.99 1.97 21.05
N LYS A 74 7.07 3.24 21.40
CA LYS A 74 8.36 3.90 21.49
C LYS A 74 9.19 3.17 22.56
N HIS A 75 8.53 2.83 23.66
CA HIS A 75 9.09 1.97 24.69
C HIS A 75 9.53 0.57 24.21
N ASP A 76 8.73 -0.03 23.35
CA ASP A 76 8.97 -1.40 22.91
C ASP A 76 10.13 -1.47 21.94
N VAL A 77 10.28 -0.44 21.13
CA VAL A 77 11.42 -0.39 20.21
C VAL A 77 12.74 -0.31 21.00
N LYS A 78 12.75 0.39 22.14
CA LYS A 78 13.94 0.45 23.00
C LYS A 78 14.19 -0.90 23.73
N THR A 79 13.11 -1.55 24.17
CA THR A 79 13.19 -2.90 24.72
C THR A 79 13.67 -3.97 23.72
N ALA A 80 13.10 -3.99 22.53
CA ALA A 80 13.52 -4.94 21.51
C ALA A 80 15.01 -4.88 21.26
N MET A 81 15.52 -3.69 21.00
CA MET A 81 16.96 -3.44 20.81
C MET A 81 17.81 -4.08 21.89
N ASP A 82 17.32 -4.03 23.13
CA ASP A 82 18.00 -4.60 24.27
C ASP A 82 18.16 -6.14 24.23
N ARG A 83 17.07 -6.85 23.91
CA ARG A 83 17.15 -8.30 23.71
C ARG A 83 18.16 -8.74 22.62
N PHE A 84 18.41 -7.86 21.65
CA PHE A 84 19.35 -8.09 20.56
C PHE A 84 20.74 -7.47 20.75
N ASN A 85 21.01 -6.83 21.88
CA ASN A 85 22.23 -5.98 22.08
C ASN A 85 22.49 -4.92 20.99
N GLN A 86 21.63 -3.90 20.94
CA GLN A 86 21.84 -2.76 20.05
C GLN A 86 21.73 -1.46 20.84
N THR A 87 22.72 -0.60 20.63
CA THR A 87 22.84 0.66 21.35
C THR A 87 22.80 1.85 20.34
N SER A 88 23.69 1.84 19.37
CA SER A 88 23.59 2.77 18.23
C SER A 88 22.48 2.29 17.25
N GLY A 89 22.31 3.06 16.17
CA GLY A 89 21.43 2.69 15.07
C GLY A 89 20.01 3.16 15.30
N THR A 90 19.30 3.43 14.19
CA THR A 90 17.84 3.62 14.18
C THR A 90 17.22 2.23 14.06
N HIS A 91 16.09 2.00 14.73
CA HIS A 91 15.36 0.73 14.61
C HIS A 91 13.87 0.93 14.56
N SER A 92 13.18 -0.06 14.03
CA SER A 92 11.75 0.06 13.74
C SER A 92 11.05 -1.05 14.46
N LEU A 93 9.81 -0.79 14.81
CA LEU A 93 8.88 -1.83 15.17
C LEU A 93 7.60 -1.60 14.35
N GLN A 94 6.94 -2.69 13.98
CA GLN A 94 5.78 -2.67 13.13
C GLN A 94 4.67 -3.51 13.73
N VAL A 95 3.44 -2.99 13.77
CA VAL A 95 2.31 -3.80 14.21
C VAL A 95 1.22 -3.87 13.17
N MET A 96 0.62 -5.05 13.10
CA MET A 96 -0.44 -5.41 12.15
C MET A 96 -1.53 -6.15 12.89
N TYR A 97 -2.76 -5.74 12.70
CA TYR A 97 -3.87 -6.59 13.05
C TYR A 97 -5.09 -6.28 12.20
N GLY A 98 -6.04 -7.21 12.18
CA GLY A 98 -7.25 -7.01 11.38
C GLY A 98 -8.20 -8.17 11.37
N CYS A 99 -9.45 -7.88 11.04
CA CYS A 99 -10.50 -8.88 10.88
C CYS A 99 -11.02 -8.89 9.45
N GLU A 100 -11.47 -10.07 9.03
CA GLU A 100 -11.98 -10.31 7.69
C GLU A 100 -13.36 -10.91 7.89
N LEU A 101 -14.35 -10.35 7.18
CA LEU A 101 -15.74 -10.84 7.15
C LEU A 101 -16.13 -11.22 5.72
N ARG A 102 -16.90 -12.30 5.61
CA ARG A 102 -16.89 -13.12 4.41
C ARG A 102 -18.13 -14.05 4.31
N GLU A 103 -18.26 -14.70 3.14
CA GLU A 103 -18.84 -16.05 2.99
C GLU A 103 -20.31 -16.25 3.41
N ASP A 104 -20.60 -16.22 4.70
CA ASP A 104 -21.96 -16.33 5.25
C ASP A 104 -21.96 -15.53 6.57
N ASN A 105 -21.34 -16.10 7.60
CA ASN A 105 -21.02 -15.39 8.84
C ASN A 105 -19.54 -15.64 9.25
N SER A 106 -18.65 -15.92 8.30
CA SER A 106 -17.27 -16.39 8.63
C SER A 106 -16.37 -15.24 9.10
N ILE A 107 -15.60 -15.48 10.16
CA ILE A 107 -14.69 -14.47 10.72
C ILE A 107 -13.29 -15.02 10.74
N ARG A 108 -12.35 -14.17 10.34
CA ARG A 108 -10.94 -14.51 10.34
C ARG A 108 -10.18 -13.31 10.91
N SER A 109 -9.05 -13.57 11.54
CA SER A 109 -8.26 -12.48 12.12
C SER A 109 -6.75 -12.75 12.23
N TYR A 110 -5.97 -11.72 12.53
CA TYR A 110 -4.53 -11.83 12.68
C TYR A 110 -4.01 -10.71 13.55
N HIS A 111 -2.87 -10.92 14.20
CA HIS A 111 -2.26 -9.88 15.00
C HIS A 111 -0.78 -10.17 15.10
N GLN A 112 0.07 -9.29 14.54
CA GLN A 112 1.53 -9.55 14.53
C GLN A 112 2.49 -8.37 14.71
N TYR A 113 3.48 -8.58 15.55
CA TYR A 113 4.58 -7.66 15.76
C TYR A 113 5.75 -7.98 14.80
N GLY A 114 6.45 -6.95 14.33
CA GLY A 114 7.64 -7.15 13.52
C GLY A 114 8.74 -6.19 13.90
N TYR A 115 9.90 -6.70 14.31
CA TYR A 115 11.03 -5.84 14.73
C TYR A 115 12.08 -5.85 13.63
N ASP A 116 12.38 -4.67 13.08
CA ASP A 116 12.95 -4.55 11.72
C ASP A 116 12.09 -5.37 10.73
N GLY A 117 12.58 -5.69 9.55
CA GLY A 117 11.70 -6.33 8.55
C GLY A 117 11.49 -7.80 8.81
N ARG A 118 11.59 -8.21 10.09
CA ARG A 118 11.48 -9.59 10.50
C ARG A 118 10.32 -9.72 11.46
N GLU A 119 9.46 -10.72 11.23
CA GLU A 119 8.43 -11.11 12.17
C GLU A 119 9.05 -11.47 13.55
N PHE A 120 8.52 -10.86 14.61
CA PHE A 120 9.00 -11.03 15.99
C PHE A 120 8.13 -12.06 16.71
N ILE A 121 6.82 -11.82 16.74
CA ILE A 121 5.85 -12.60 17.56
C ILE A 121 4.43 -12.49 16.99
N ALA A 122 3.62 -13.56 17.08
CA ALA A 122 2.30 -13.53 16.44
C ALA A 122 1.29 -14.51 17.02
N LEU A 123 0.02 -14.17 16.83
CA LEU A 123 -1.11 -14.83 17.48
C LEU A 123 -1.65 -15.99 16.63
N ASP A 124 -1.71 -17.18 17.20
CA ASP A 124 -2.45 -18.31 16.61
C ASP A 124 -3.98 -18.12 16.78
N THR A 125 -4.73 -18.19 15.69
CA THR A 125 -6.14 -17.78 15.63
C THR A 125 -7.14 -18.82 16.15
N GLU A 126 -6.80 -20.11 16.03
CA GLU A 126 -7.65 -21.18 16.57
C GLU A 126 -7.20 -21.61 17.96
N ARG A 127 -5.89 -21.69 18.19
CA ARG A 127 -5.38 -22.03 19.52
C ARG A 127 -5.45 -20.88 20.53
N TRP A 128 -5.41 -19.64 20.05
CA TRP A 128 -5.45 -18.43 20.90
C TRP A 128 -4.31 -18.35 21.93
N VAL A 129 -3.08 -18.44 21.42
CA VAL A 129 -1.89 -18.15 22.20
C VAL A 129 -0.84 -17.53 21.26
N TYR A 130 -0.06 -16.59 21.77
CA TYR A 130 1.01 -15.96 20.98
C TYR A 130 2.22 -16.91 20.86
N VAL A 131 2.65 -17.15 19.61
CA VAL A 131 3.82 -17.99 19.34
C VAL A 131 4.97 -17.14 18.72
N PRO A 132 6.11 -17.06 19.42
CA PRO A 132 7.22 -16.25 18.95
C PRO A 132 7.88 -16.85 17.74
N SER A 133 8.58 -16.03 16.96
CA SER A 133 9.33 -16.50 15.82
C SER A 133 10.78 -16.64 16.15
N VAL A 134 11.16 -16.14 17.33
CA VAL A 134 12.54 -15.86 17.66
C VAL A 134 12.69 -16.17 19.14
N ARG A 135 13.88 -16.59 19.54
CA ARG A 135 14.30 -16.64 20.95
C ARG A 135 13.95 -15.37 21.71
N GLU A 136 14.28 -14.21 21.15
CA GLU A 136 14.17 -12.94 21.87
C GLU A 136 12.71 -12.56 22.22
N ALA A 137 11.77 -13.08 21.45
CA ALA A 137 10.34 -13.01 21.80
C ALA A 137 9.82 -14.18 22.69
N GLN A 138 10.69 -14.86 23.43
CA GLN A 138 10.20 -15.83 24.41
C GLN A 138 9.75 -15.12 25.68
N LEU A 139 10.55 -14.17 26.15
CA LEU A 139 10.15 -13.40 27.35
C LEU A 139 8.86 -12.61 27.16
N THR A 140 8.53 -12.24 25.91
CA THR A 140 7.26 -11.57 25.57
C THR A 140 6.13 -12.61 25.55
N GLU A 141 6.34 -13.68 24.80
CA GLU A 141 5.45 -14.84 24.78
C GLU A 141 4.93 -15.22 26.17
N GLN A 142 5.80 -15.21 27.20
CA GLN A 142 5.39 -15.63 28.55
C GLN A 142 4.58 -14.59 29.33
N LYS A 143 4.98 -13.32 29.26
CA LYS A 143 4.22 -12.19 29.83
C LYS A 143 2.79 -12.15 29.32
N TRP A 144 2.67 -12.23 28.00
CA TRP A 144 1.38 -12.07 27.34
C TRP A 144 0.50 -13.28 27.53
N ASN A 145 1.07 -14.47 27.39
CA ASN A 145 0.27 -15.68 27.53
C ASN A 145 -0.14 -16.00 28.96
N SER A 146 0.57 -15.46 29.95
CA SER A 146 0.27 -15.72 31.37
C SER A 146 -1.20 -15.49 31.75
N PRO A 147 -1.70 -16.25 32.72
CA PRO A 147 -3.03 -16.04 33.26
C PRO A 147 -3.37 -14.61 33.75
N GLU A 148 -2.39 -13.93 34.37
CA GLU A 148 -2.64 -12.59 34.96
C GLU A 148 -2.80 -11.48 33.92
N VAL A 149 -2.08 -11.59 32.80
CA VAL A 149 -2.19 -10.65 31.68
C VAL A 149 -3.26 -11.09 30.67
N ASN A 150 -3.20 -12.37 30.28
CA ASN A 150 -4.12 -13.02 29.33
C ASN A 150 -4.49 -12.17 28.11
N ALA A 151 -3.47 -11.81 27.34
CA ALA A 151 -3.68 -11.00 26.17
C ALA A 151 -4.44 -11.75 25.06
N PRO A 152 -4.25 -13.08 24.96
CA PRO A 152 -5.07 -13.81 23.99
C PRO A 152 -6.55 -13.66 24.20
N GLU A 153 -7.04 -13.80 25.42
CA GLU A 153 -8.49 -13.61 25.66
C GLU A 153 -8.96 -12.15 25.52
N ARG A 154 -8.07 -11.17 25.72
CA ARG A 154 -8.48 -9.78 25.53
C ARG A 154 -8.67 -9.46 24.09
N ASN A 155 -7.63 -9.71 23.30
CA ASN A 155 -7.63 -9.39 21.86
C ASN A 155 -8.59 -10.24 21.05
N LYS A 156 -8.76 -11.47 21.48
CA LYS A 156 -9.86 -12.30 20.98
C LYS A 156 -11.19 -11.56 21.09
N ASN A 157 -11.49 -10.91 22.22
CA ASN A 157 -12.78 -10.21 22.38
C ASN A 157 -12.92 -8.95 21.52
N TYR A 158 -11.80 -8.41 21.05
CA TYR A 158 -11.77 -7.29 20.11
C TYR A 158 -11.86 -7.78 18.69
N LEU A 159 -11.05 -8.79 18.38
CA LEU A 159 -10.97 -9.31 17.03
C LEU A 159 -12.25 -9.95 16.57
N GLN A 160 -12.98 -10.61 17.47
CA GLN A 160 -14.26 -11.24 17.13
C GLN A 160 -15.50 -10.35 17.31
N ASN A 161 -15.34 -9.09 17.76
CA ASN A 161 -16.48 -8.21 18.03
C ASN A 161 -16.28 -6.84 17.50
N LEU A 162 -15.54 -6.00 18.22
CA LEU A 162 -15.40 -4.57 17.89
C LEU A 162 -14.95 -4.40 16.48
N CYS A 163 -13.95 -5.17 16.09
CA CYS A 163 -13.40 -5.09 14.77
C CYS A 163 -14.51 -5.31 13.73
N ILE A 164 -15.30 -6.37 13.88
CA ILE A 164 -16.37 -6.64 12.91
C ILE A 164 -17.51 -5.65 13.08
N GLU A 165 -17.95 -5.38 14.30
CA GLU A 165 -18.93 -4.30 14.54
C GLU A 165 -18.56 -3.03 13.78
N GLY A 166 -17.30 -2.63 13.85
CA GLY A 166 -16.79 -1.41 13.21
C GLY A 166 -16.65 -1.57 11.70
N LEU A 167 -16.15 -2.72 11.27
CA LEU A 167 -16.18 -3.12 9.84
C LEU A 167 -17.58 -2.94 9.26
N LYS A 168 -18.56 -3.68 9.81
CA LYS A 168 -19.93 -3.69 9.30
C LYS A 168 -20.46 -2.26 9.10
N ARG A 169 -20.20 -1.46 10.12
CA ARG A 169 -20.52 -0.03 10.18
C ARG A 169 -19.82 0.85 9.10
N TYR A 170 -18.51 0.62 8.88
CA TYR A 170 -17.75 1.39 7.88
C TYR A 170 -18.10 0.95 6.45
N LEU A 171 -18.40 -0.33 6.26
CA LEU A 171 -18.90 -0.84 4.96
C LEU A 171 -20.19 -0.14 4.54
N SER A 172 -21.07 0.08 5.51
CA SER A 172 -22.28 0.84 5.33
C SER A 172 -21.93 2.23 4.77
N TYR A 173 -21.10 2.98 5.50
CA TYR A 173 -20.78 4.39 5.17
C TYR A 173 -20.14 4.55 3.81
N GLY A 174 -19.24 3.62 3.48
CA GLY A 174 -18.64 3.58 2.15
C GLY A 174 -19.30 2.62 1.16
N ARG A 175 -20.61 2.37 1.29
CA ARG A 175 -21.28 1.36 0.46
C ARG A 175 -21.27 1.78 -1.00
N ALA A 176 -21.76 3.01 -1.24
CA ALA A 176 -21.90 3.57 -2.59
C ALA A 176 -20.62 3.57 -3.39
N GLU A 177 -19.47 3.68 -2.72
CA GLU A 177 -18.17 3.92 -3.35
C GLU A 177 -17.21 2.73 -3.35
N LEU A 178 -17.48 1.68 -2.56
CA LEU A 178 -16.56 0.52 -2.47
C LEU A 178 -16.77 -0.54 -3.54
N GLU A 179 -18.01 -0.77 -3.96
CA GLU A 179 -18.30 -1.79 -4.99
C GLU A 179 -18.25 -1.14 -6.37
N ARG A 180 -18.78 0.08 -6.45
CA ARG A 180 -18.68 1.01 -7.59
C ARG A 180 -17.74 0.57 -8.71
N ARG A 181 -18.28 0.04 -9.81
CA ARG A 181 -17.47 -0.42 -10.94
C ARG A 181 -17.17 0.74 -11.86
N VAL A 182 -15.90 0.95 -12.17
CA VAL A 182 -15.45 1.90 -13.20
C VAL A 182 -14.43 1.17 -14.08
N HIS A 183 -14.53 1.37 -15.38
CA HIS A 183 -13.99 0.38 -16.33
C HIS A 183 -13.03 0.99 -17.33
N PRO A 184 -12.18 0.15 -17.98
CA PRO A 184 -10.93 0.64 -18.51
C PRO A 184 -11.02 1.32 -19.86
N HIS A 185 -10.35 2.46 -19.98
CA HIS A 185 -9.98 2.99 -21.29
C HIS A 185 -8.76 2.15 -21.66
N VAL A 186 -8.48 2.02 -22.95
CA VAL A 186 -7.33 1.24 -23.43
C VAL A 186 -6.72 1.89 -24.65
N ARG A 187 -5.40 1.96 -24.68
CA ARG A 187 -4.69 2.75 -25.68
C ARG A 187 -3.44 1.98 -26.06
N ILE A 188 -3.49 1.34 -27.22
CA ILE A 188 -2.36 0.62 -27.77
C ILE A 188 -1.43 1.56 -28.48
N SER A 189 -0.15 1.26 -28.40
CA SER A 189 0.90 1.96 -29.13
C SER A 189 1.94 0.91 -29.48
N ASP A 190 2.84 1.23 -30.41
CA ASP A 190 3.93 0.31 -30.74
C ASP A 190 5.21 1.07 -31.00
N HIS A 191 6.05 1.10 -29.98
CA HIS A 191 7.35 1.76 -30.03
C HIS A 191 8.21 1.19 -31.14
N GLN A 192 8.85 2.09 -31.89
CA GLN A 192 10.07 1.79 -32.63
C GLN A 192 9.91 0.62 -33.63
N SER A 193 10.99 0.23 -34.28
CA SER A 193 10.91 -0.73 -35.37
C SER A 193 12.29 -1.39 -35.53
N ASP A 194 12.74 -1.67 -36.77
CA ASP A 194 14.12 -2.10 -37.15
C ASP A 194 14.08 -3.50 -37.78
N ASP A 195 13.62 -4.47 -37.00
CA ASP A 195 13.44 -5.88 -37.43
C ASP A 195 12.09 -6.45 -36.95
N ALA A 196 11.91 -6.44 -35.63
CA ALA A 196 10.65 -6.72 -34.97
C ALA A 196 10.12 -5.45 -34.37
N THR A 197 8.92 -5.52 -33.80
CA THR A 197 8.24 -4.35 -33.26
C THR A 197 7.76 -4.65 -31.83
N GLU A 198 7.60 -3.57 -31.05
CA GLU A 198 7.40 -3.64 -29.60
C GLU A 198 5.96 -3.89 -29.12
N LEU A 199 5.01 -3.03 -29.47
CA LEU A 199 3.59 -3.16 -29.02
C LEU A 199 3.29 -3.08 -27.49
N ARG A 200 3.07 -1.87 -26.99
CA ARG A 200 2.54 -1.67 -25.64
C ARG A 200 1.00 -1.72 -25.61
N CYS A 201 0.45 -2.30 -24.55
CA CYS A 201 -0.98 -2.32 -24.36
C CYS A 201 -1.37 -1.77 -23.02
N HIS A 202 -1.73 -0.50 -23.04
CA HIS A 202 -1.99 0.32 -21.89
C HIS A 202 -3.52 0.31 -21.52
N ALA A 203 -3.87 -0.26 -20.36
CA ALA A 203 -5.21 -0.11 -19.78
C ALA A 203 -5.15 0.78 -18.55
N TYR A 204 -6.17 1.61 -18.36
CA TYR A 204 -6.11 2.60 -17.28
C TYR A 204 -7.49 3.07 -16.84
N GLY A 205 -7.57 3.49 -15.58
CA GLY A 205 -8.78 4.12 -15.07
C GLY A 205 -9.82 3.24 -14.42
N PHE A 206 -9.46 1.98 -14.15
CA PHE A 206 -10.43 0.94 -13.74
C PHE A 206 -10.55 0.69 -12.22
N TYR A 207 -11.63 0.04 -11.82
CA TYR A 207 -11.89 -0.36 -10.43
C TYR A 207 -12.95 -1.47 -10.47
N PRO A 208 -12.74 -2.59 -9.78
CA PRO A 208 -11.66 -2.84 -8.82
C PRO A 208 -10.26 -3.08 -9.43
N ARG A 209 -9.28 -3.42 -8.58
CA ARG A 209 -7.88 -3.60 -8.98
C ARG A 209 -7.63 -4.75 -9.96
N GLU A 210 -8.47 -5.79 -9.92
CA GLU A 210 -8.23 -7.03 -10.67
C GLU A 210 -8.64 -6.93 -12.15
N ILE A 211 -7.76 -7.43 -13.01
CA ILE A 211 -7.92 -7.47 -14.47
C ILE A 211 -7.08 -8.62 -15.06
N ASP A 212 -7.26 -8.87 -16.34
CA ASP A 212 -6.36 -9.75 -17.05
C ASP A 212 -6.21 -9.18 -18.46
N VAL A 213 -4.97 -8.95 -18.90
CA VAL A 213 -4.71 -8.47 -20.25
C VAL A 213 -3.57 -9.28 -20.90
N LYS A 214 -3.91 -9.99 -21.96
CA LYS A 214 -2.95 -10.78 -22.73
C LYS A 214 -2.81 -10.11 -24.09
N TRP A 215 -1.78 -10.51 -24.82
CA TRP A 215 -1.72 -10.27 -26.25
C TRP A 215 -2.06 -11.58 -26.95
N VAL A 216 -3.08 -11.55 -27.81
CA VAL A 216 -3.53 -12.72 -28.55
C VAL A 216 -3.23 -12.61 -30.05
N LYS A 217 -2.54 -13.61 -30.58
CA LYS A 217 -2.24 -13.69 -32.01
C LYS A 217 -3.30 -14.57 -32.72
N ASN A 218 -4.23 -13.96 -33.47
CA ASN A 218 -5.36 -14.68 -34.13
C ASN A 218 -6.34 -15.32 -33.10
N GLY A 219 -5.92 -16.37 -32.41
CA GLY A 219 -6.69 -16.99 -31.30
C GLY A 219 -5.77 -17.92 -30.49
N ARG A 220 -4.62 -17.40 -30.07
CA ARG A 220 -3.61 -18.11 -29.27
C ARG A 220 -2.69 -17.14 -28.49
N ALA A 221 -2.46 -17.43 -27.22
CA ALA A 221 -1.76 -16.53 -26.28
C ALA A 221 -0.29 -16.28 -26.67
N ASP A 222 0.14 -15.03 -26.54
CA ASP A 222 1.44 -14.59 -27.05
C ASP A 222 2.49 -14.64 -25.94
N VAL A 223 3.30 -13.60 -25.73
CA VAL A 223 4.60 -13.80 -25.07
C VAL A 223 4.89 -12.81 -23.95
N HIS A 224 4.92 -13.35 -22.74
CA HIS A 224 5.69 -12.83 -21.57
C HIS A 224 6.25 -11.40 -21.64
N SER A 225 7.27 -11.21 -22.48
CA SER A 225 8.16 -10.06 -22.47
C SER A 225 8.10 -9.21 -21.22
N GLU A 226 8.79 -9.69 -20.19
CA GLU A 226 9.18 -8.90 -19.02
C GLU A 226 8.06 -8.49 -18.05
N ALA A 227 8.51 -7.99 -16.89
CA ALA A 227 7.68 -7.33 -15.86
C ALA A 227 6.61 -8.21 -15.26
N ALA A 228 5.64 -8.59 -16.10
CA ALA A 228 4.41 -9.25 -15.68
C ALA A 228 3.61 -8.28 -14.82
N LYS A 229 2.54 -8.79 -14.22
CA LYS A 229 1.54 -7.98 -13.57
C LYS A 229 2.13 -6.96 -12.60
N GLU A 230 2.30 -5.76 -13.14
CA GLU A 230 2.60 -4.57 -12.37
C GLU A 230 1.37 -3.67 -12.50
N ILE A 231 0.34 -4.00 -11.72
CA ILE A 231 -0.84 -3.17 -11.64
C ILE A 231 -0.48 -2.03 -10.72
N LEU A 232 -0.44 -0.83 -11.29
CA LEU A 232 -0.02 0.36 -10.58
C LEU A 232 -1.28 1.09 -10.14
N PRO A 233 -1.20 1.78 -8.98
CA PRO A 233 -2.30 2.59 -8.48
C PRO A 233 -2.26 4.04 -8.98
N ASN A 234 -3.44 4.63 -9.15
CA ASN A 234 -3.59 6.06 -9.39
C ASN A 234 -4.02 6.70 -8.08
N PRO A 235 -3.83 8.03 -7.92
CA PRO A 235 -4.29 8.72 -6.72
C PRO A 235 -5.79 9.07 -6.71
N ASP A 236 -6.62 8.13 -7.16
CA ASP A 236 -8.02 8.00 -6.73
C ASP A 236 -8.14 6.53 -6.37
N GLY A 237 -9.33 5.96 -6.53
CA GLY A 237 -9.46 4.51 -6.54
C GLY A 237 -8.61 3.87 -7.63
N SER A 238 -8.63 4.47 -8.81
CA SER A 238 -8.25 3.84 -10.09
C SER A 238 -6.89 3.17 -10.17
N TYR A 239 -6.80 2.26 -11.12
CA TYR A 239 -5.63 1.42 -11.34
C TYR A 239 -5.28 1.37 -12.82
N GLN A 240 -4.15 0.74 -13.12
CA GLN A 240 -3.47 0.90 -14.38
C GLN A 240 -2.54 -0.27 -14.63
N LEU A 241 -2.41 -0.69 -15.89
CA LEU A 241 -1.52 -1.79 -16.26
C LEU A 241 -1.04 -1.63 -17.69
N ARG A 242 0.22 -2.01 -17.95
CA ARG A 242 0.75 -1.99 -19.31
C ARG A 242 1.52 -3.25 -19.66
N VAL A 243 1.07 -3.93 -20.72
CA VAL A 243 1.69 -5.18 -21.17
C VAL A 243 2.38 -5.01 -22.54
N THR A 244 3.63 -5.45 -22.60
CA THR A 244 4.45 -5.34 -23.80
C THR A 244 4.67 -6.68 -24.49
N ALA A 245 5.00 -6.67 -25.77
CA ALA A 245 5.26 -7.91 -26.48
C ALA A 245 6.15 -7.73 -27.69
N GLU A 246 7.41 -8.13 -27.62
CA GLU A 246 8.28 -8.15 -28.81
C GLU A 246 7.75 -9.12 -29.87
N ILE A 247 7.44 -8.62 -31.08
CA ILE A 247 6.74 -9.44 -32.09
C ILE A 247 6.89 -8.89 -33.52
N THR A 248 6.30 -9.61 -34.50
CA THR A 248 6.77 -9.67 -35.90
C THR A 248 8.28 -9.86 -35.93
N PRO A 249 8.73 -11.12 -35.94
CA PRO A 249 10.07 -11.32 -36.46
C PRO A 249 10.11 -10.75 -37.89
N SER A 250 9.12 -11.13 -38.72
CA SER A 250 8.75 -10.41 -39.97
C SER A 250 7.31 -10.63 -40.54
N GLU A 251 6.61 -11.71 -40.14
CA GLU A 251 5.42 -12.23 -40.87
C GLU A 251 4.13 -11.40 -40.79
N GLY A 252 3.99 -10.60 -39.72
CA GLY A 252 2.77 -9.80 -39.49
C GLY A 252 1.60 -10.62 -38.96
N ASP A 253 0.39 -10.15 -39.28
CA ASP A 253 -0.89 -10.87 -39.10
C ASP A 253 -1.56 -10.72 -37.72
N SER A 254 -2.42 -9.70 -37.65
CA SER A 254 -3.55 -9.57 -36.69
C SER A 254 -3.29 -9.93 -35.21
N TYR A 255 -2.54 -9.07 -34.52
CA TYR A 255 -2.39 -9.13 -33.08
C TYR A 255 -3.50 -8.39 -32.40
N ALA A 256 -3.70 -8.62 -31.10
CA ALA A 256 -4.81 -8.01 -30.39
C ALA A 256 -4.78 -8.22 -28.88
N CYS A 257 -5.27 -7.22 -28.18
CA CYS A 257 -5.10 -7.14 -26.77
C CYS A 257 -6.41 -7.53 -26.14
N HIS A 258 -6.39 -8.60 -25.35
CA HIS A 258 -7.57 -9.16 -24.72
C HIS A 258 -7.65 -8.73 -23.26
N VAL A 259 -8.50 -7.74 -23.02
CA VAL A 259 -8.81 -7.28 -21.68
C VAL A 259 -9.99 -8.11 -21.16
N GLU A 260 -10.04 -8.29 -19.85
CA GLU A 260 -11.00 -9.15 -19.20
C GLU A 260 -11.08 -8.53 -17.82
N HIS A 261 -12.16 -7.80 -17.55
CA HIS A 261 -12.35 -7.04 -16.29
C HIS A 261 -13.77 -7.21 -15.75
N SER A 262 -13.94 -7.00 -14.44
CA SER A 262 -15.25 -7.12 -13.76
C SER A 262 -16.41 -6.16 -14.19
N SER A 263 -16.22 -5.31 -15.20
CA SER A 263 -17.27 -4.38 -15.66
C SER A 263 -17.77 -4.68 -17.08
N LEU A 264 -17.70 -5.94 -17.54
CA LEU A 264 -17.71 -6.20 -18.98
C LEU A 264 -18.55 -7.43 -19.50
N LYS A 265 -17.89 -8.38 -20.15
CA LYS A 265 -18.45 -9.28 -21.16
C LYS A 265 -17.28 -9.87 -21.96
N GLU A 266 -16.33 -9.02 -22.33
CA GLU A 266 -14.98 -9.43 -22.75
C GLU A 266 -14.08 -8.21 -23.00
N LYS A 267 -14.20 -7.58 -24.19
CA LYS A 267 -13.39 -6.41 -24.65
C LYS A 267 -12.09 -6.77 -25.35
N LEU A 268 -12.01 -6.39 -26.61
CA LEU A 268 -10.97 -6.87 -27.50
C LEU A 268 -10.56 -5.73 -28.44
N ILE A 269 -9.25 -5.44 -28.50
CA ILE A 269 -8.71 -4.31 -29.27
C ILE A 269 -7.71 -4.78 -30.34
N VAL A 270 -7.88 -4.20 -31.54
CA VAL A 270 -7.29 -4.66 -32.79
C VAL A 270 -6.02 -3.85 -33.10
N VAL A 271 -5.21 -4.32 -34.07
CA VAL A 271 -4.01 -3.60 -34.53
C VAL A 271 -4.23 -2.29 -35.36
N TRP A 272 -3.36 -2.06 -36.33
CA TRP A 272 -2.84 -0.74 -36.61
C TRP A 272 -2.21 -0.84 -38.00
N ILE B 1 17.80 -4.87 5.26
CA ILE B 1 17.82 -3.74 4.26
C ILE B 1 17.23 -4.26 2.99
N SER B 2 16.37 -3.46 2.39
CA SER B 2 15.74 -3.87 1.17
C SER B 2 15.49 -2.67 0.29
N PRO B 3 16.20 -2.63 -0.85
CA PRO B 3 16.23 -1.43 -1.62
C PRO B 3 14.89 -1.17 -2.30
N PRO B 4 14.65 0.07 -2.75
CA PRO B 4 13.32 0.40 -3.22
C PRO B 4 13.08 0.02 -4.69
N VAL B 5 11.81 -0.15 -5.05
CA VAL B 5 11.40 -0.39 -6.44
C VAL B 5 10.57 0.80 -6.83
N VAL B 6 11.06 1.54 -7.82
CA VAL B 6 10.55 2.88 -8.15
C VAL B 6 9.87 2.81 -9.51
N LYS B 7 8.63 3.30 -9.58
CA LYS B 7 7.87 3.33 -10.82
C LYS B 7 7.33 4.71 -10.99
N VAL B 8 7.44 5.29 -12.18
CA VAL B 8 7.19 6.71 -12.41
C VAL B 8 6.33 6.84 -13.65
N TYR B 9 5.22 7.54 -13.58
CA TYR B 9 4.21 7.39 -14.63
C TYR B 9 3.05 8.43 -14.62
N THR B 10 2.24 8.40 -15.66
CA THR B 10 1.14 9.32 -15.86
C THR B 10 -0.12 8.56 -15.58
N ALA B 11 -1.10 9.23 -14.95
CA ALA B 11 -2.43 8.61 -14.67
C ALA B 11 -3.06 8.12 -15.94
N GLU B 12 -3.21 9.04 -16.90
CA GLU B 12 -3.67 8.74 -18.24
C GLU B 12 -2.39 8.62 -19.11
N PRO B 13 -2.51 8.20 -20.36
CA PRO B 13 -1.36 8.24 -21.28
C PRO B 13 -0.75 9.63 -21.38
N VAL B 14 0.51 9.71 -21.83
CA VAL B 14 1.20 11.02 -21.84
C VAL B 14 0.71 11.87 -22.99
N ASP B 15 0.37 13.14 -22.70
CA ASP B 15 -0.12 14.07 -23.74
C ASP B 15 0.63 15.41 -23.64
N PHE B 16 1.57 15.58 -24.56
CA PHE B 16 2.33 16.80 -24.70
C PHE B 16 1.41 17.95 -25.09
N GLY B 17 1.61 19.09 -24.45
CA GLY B 17 0.86 20.27 -24.78
C GLY B 17 0.10 20.72 -23.57
N LYS B 18 -0.35 19.77 -22.76
CA LYS B 18 -1.18 20.05 -21.57
C LYS B 18 -0.54 19.50 -20.27
N THR B 19 -1.19 19.80 -19.12
CA THR B 19 -0.84 19.22 -17.81
C THR B 19 -0.95 17.73 -17.83
N ASN B 20 -0.40 17.10 -16.80
CA ASN B 20 -0.35 15.66 -16.68
C ASN B 20 -0.28 15.26 -15.22
N GLU B 21 -1.03 14.24 -14.82
CA GLU B 21 -0.93 13.71 -13.47
C GLU B 21 0.31 12.81 -13.41
N VAL B 22 1.44 13.41 -13.05
CA VAL B 22 2.72 12.71 -12.88
C VAL B 22 2.79 11.97 -11.55
N ILE B 23 3.11 10.70 -11.58
CA ILE B 23 3.05 9.84 -10.40
C ILE B 23 4.35 9.10 -10.25
N CYS B 24 4.75 8.86 -9.00
CA CYS B 24 5.77 7.86 -8.75
C CYS B 24 5.52 7.10 -7.49
N TYR B 25 5.63 5.78 -7.62
CA TYR B 25 5.19 4.81 -6.67
C TYR B 25 6.41 4.05 -6.28
N VAL B 26 6.73 4.11 -4.99
CA VAL B 26 7.91 3.46 -4.46
C VAL B 26 7.45 2.46 -3.44
N TYR B 27 7.95 1.24 -3.55
CA TYR B 27 7.49 0.17 -2.70
C TYR B 27 8.57 -0.87 -2.50
N ASN B 28 8.28 -1.83 -1.63
CA ASN B 28 9.15 -2.93 -1.32
C ASN B 28 10.45 -2.49 -0.65
N TYR B 29 10.42 -1.40 0.11
CA TYR B 29 11.63 -0.93 0.81
C TYR B 29 11.54 -1.03 2.32
N HIS B 30 12.71 -1.25 2.92
CA HIS B 30 12.86 -1.26 4.36
C HIS B 30 14.31 -0.90 4.68
N PRO B 31 14.59 -0.04 5.68
CA PRO B 31 13.62 0.57 6.59
C PRO B 31 12.86 1.78 6.00
N PRO B 32 11.89 2.30 6.76
CA PRO B 32 10.99 3.26 6.15
C PRO B 32 11.54 4.64 5.85
N ARG B 33 12.73 4.97 6.35
CA ARG B 33 13.34 6.26 6.04
C ARG B 33 13.46 6.48 4.51
N LEU B 34 12.77 7.51 3.99
CA LEU B 34 12.69 7.73 2.53
C LEU B 34 12.41 9.17 2.12
N GLU B 35 13.37 9.83 1.47
CA GLU B 35 13.18 11.13 0.76
C GLU B 35 12.71 10.88 -0.68
N MET B 36 12.08 11.88 -1.29
CA MET B 36 11.41 11.67 -2.59
C MET B 36 10.97 13.01 -3.20
N ARG B 37 11.31 13.28 -4.47
CA ARG B 37 10.79 14.47 -5.17
C ARG B 37 10.74 14.42 -6.69
N LEU B 38 9.65 14.95 -7.28
CA LEU B 38 9.57 15.13 -8.75
C LEU B 38 10.26 16.43 -9.22
N GLU B 39 10.96 16.34 -10.36
CA GLU B 39 11.48 17.54 -11.02
C GLU B 39 11.17 17.51 -12.53
N LYS B 40 11.39 18.65 -13.17
CA LYS B 40 11.21 18.85 -14.62
C LYS B 40 12.38 19.71 -15.14
N ASN B 41 13.31 19.08 -15.86
CA ASN B 41 14.55 19.72 -16.33
C ASN B 41 15.38 20.17 -15.16
N GLY B 42 15.33 19.46 -14.04
CA GLY B 42 16.07 19.84 -12.86
C GLY B 42 15.25 20.69 -11.92
N VAL B 43 14.51 21.65 -12.46
CA VAL B 43 13.52 22.43 -11.70
C VAL B 43 12.59 21.50 -10.92
N GLU B 44 12.60 21.60 -9.58
CA GLU B 44 11.68 20.85 -8.74
C GLU B 44 10.25 21.29 -9.02
N ILE B 45 9.30 20.47 -8.59
CA ILE B 45 7.92 20.64 -9.03
C ILE B 45 7.17 21.44 -7.98
N PRO B 46 6.56 22.57 -8.39
CA PRO B 46 5.77 23.35 -7.44
C PRO B 46 4.34 22.78 -7.29
N ASP B 47 4.19 21.65 -6.60
CA ASP B 47 2.86 21.02 -6.41
C ASP B 47 2.75 19.96 -5.33
N CYS B 48 3.81 19.23 -5.00
CA CYS B 48 3.87 18.47 -3.74
C CYS B 48 2.86 17.29 -3.75
N LYS B 49 2.21 16.96 -2.63
CA LYS B 49 1.17 15.87 -2.48
C LYS B 49 1.71 14.43 -2.41
N GLN B 50 1.68 13.83 -1.22
CA GLN B 50 2.19 12.47 -1.01
C GLN B 50 1.34 11.63 -0.05
N THR B 51 0.94 10.44 -0.47
CA THR B 51 0.24 9.50 0.42
C THR B 51 1.13 8.99 1.56
N ASP B 52 0.49 8.41 2.56
CA ASP B 52 1.18 7.98 3.79
C ASP B 52 1.92 6.67 3.57
N PRO B 53 3.17 6.56 4.09
CA PRO B 53 3.83 5.27 4.02
C PRO B 53 3.17 4.23 4.95
N SER B 54 2.52 3.24 4.35
CA SER B 54 2.09 2.04 5.06
C SER B 54 3.08 0.93 4.72
N PHE B 55 2.71 -0.31 5.01
CA PHE B 55 3.46 -1.47 4.61
C PHE B 55 2.58 -2.67 4.30
N GLN B 56 3.17 -3.65 3.62
CA GLN B 56 2.48 -4.85 3.14
C GLN B 56 2.56 -5.91 4.20
N HIS B 57 1.91 -7.04 3.97
CA HIS B 57 2.07 -8.21 4.85
C HIS B 57 3.50 -8.78 4.91
N ASN B 58 4.36 -8.40 3.97
CA ASN B 58 5.78 -8.76 4.06
C ASN B 58 6.60 -7.78 4.93
N TRP B 59 5.96 -6.75 5.48
CA TRP B 59 6.63 -5.72 6.27
C TRP B 59 7.40 -4.66 5.44
N LYS B 60 7.11 -4.56 4.14
CA LYS B 60 7.86 -3.64 3.26
C LYS B 60 7.05 -2.42 2.79
N TYR B 61 7.55 -1.24 3.10
CA TYR B 61 6.80 0.01 2.98
C TYR B 61 6.55 0.39 1.54
N TYR B 62 5.47 1.12 1.30
CA TYR B 62 5.21 1.75 0.00
C TYR B 62 4.60 3.16 0.18
N THR B 63 4.71 3.97 -0.85
CA THR B 63 4.21 5.33 -0.79
C THR B 63 4.09 5.82 -2.24
N THR B 64 3.27 6.85 -2.51
CA THR B 64 3.27 7.60 -3.81
C THR B 64 3.27 9.12 -3.67
N LYS B 65 3.75 9.78 -4.72
CA LYS B 65 3.73 11.23 -4.85
C LYS B 65 3.18 11.58 -6.22
N SER B 66 2.28 12.57 -6.26
CA SER B 66 1.56 12.93 -7.49
C SER B 66 1.61 14.41 -7.69
N THR B 67 1.44 14.81 -8.93
CA THR B 67 1.48 16.23 -9.27
C THR B 67 0.73 16.41 -10.59
N HIS B 68 0.11 17.58 -10.77
CA HIS B 68 -0.32 17.99 -12.09
C HIS B 68 0.82 18.89 -12.59
N VAL B 69 1.50 18.49 -13.67
CA VAL B 69 2.53 19.32 -14.30
C VAL B 69 2.42 19.34 -15.84
N HIS B 70 2.66 20.53 -16.44
CA HIS B 70 2.57 20.76 -17.90
C HIS B 70 3.84 20.21 -18.52
N ILE B 71 3.69 19.56 -19.67
CA ILE B 71 4.79 18.88 -20.33
C ILE B 71 4.78 19.20 -21.82
N ASP B 72 5.91 19.69 -22.33
CA ASP B 72 6.12 19.82 -23.77
C ASP B 72 6.96 18.64 -24.31
N LYS B 73 7.30 18.69 -25.61
CA LYS B 73 8.25 17.74 -26.21
C LYS B 73 9.65 18.03 -25.67
N GLY B 74 10.52 17.03 -25.74
CA GLY B 74 11.87 17.12 -25.18
C GLY B 74 11.81 17.02 -23.66
N ASP B 75 12.08 18.14 -22.98
CA ASP B 75 12.17 18.24 -21.50
C ASP B 75 11.96 16.99 -20.62
N LYS B 76 13.03 16.58 -19.96
CA LYS B 76 13.01 15.44 -19.03
C LYS B 76 12.19 15.69 -17.73
N VAL B 77 11.30 14.78 -17.39
CA VAL B 77 10.70 14.70 -16.06
C VAL B 77 11.34 13.54 -15.30
N GLU B 78 11.56 13.73 -14.01
CA GLU B 78 12.38 12.84 -13.23
C GLU B 78 11.82 12.76 -11.81
N CYS B 79 11.94 11.57 -11.19
CA CYS B 79 11.59 11.35 -9.78
C CYS B 79 12.86 10.92 -9.07
N VAL B 80 13.36 11.81 -8.21
CA VAL B 80 14.59 11.57 -7.44
C VAL B 80 14.25 10.93 -6.09
N VAL B 81 14.84 9.79 -5.75
CA VAL B 81 14.51 9.05 -4.51
C VAL B 81 15.76 8.65 -3.71
N SER B 82 15.68 8.82 -2.38
CA SER B 82 16.74 8.41 -1.47
C SER B 82 16.19 7.60 -0.33
N HIS B 83 16.89 6.51 -0.01
CA HIS B 83 16.49 5.51 0.98
C HIS B 83 17.68 5.31 1.96
N ASN B 84 17.39 5.16 3.27
CA ASN B 84 18.28 5.62 4.39
C ASN B 84 18.75 7.06 4.07
N GLY B 85 19.96 7.46 4.44
CA GLY B 85 20.54 8.68 3.88
C GLY B 85 21.60 8.31 2.89
N ASN B 86 21.21 7.59 1.85
CA ASN B 86 22.09 7.26 0.73
C ASN B 86 21.87 8.23 -0.40
N PRO B 87 22.91 8.43 -1.26
CA PRO B 87 22.78 9.38 -2.37
C PRO B 87 21.55 9.12 -3.28
N SER B 88 20.75 10.17 -3.47
CA SER B 88 19.60 10.18 -4.39
C SER B 88 19.84 9.45 -5.71
N LYS B 89 18.78 8.82 -6.23
CA LYS B 89 18.80 8.18 -7.55
C LYS B 89 17.66 8.68 -8.42
N LYS B 90 17.97 8.95 -9.70
CA LYS B 90 17.05 9.63 -10.64
C LYS B 90 16.31 8.64 -11.55
N TYR B 91 14.98 8.78 -11.65
CA TYR B 91 14.13 7.88 -12.49
C TYR B 91 13.22 8.63 -13.49
N ARG B 92 13.48 8.44 -14.78
CA ARG B 92 12.74 9.16 -15.83
C ARG B 92 11.35 8.59 -16.11
N LEU B 93 10.41 9.51 -16.28
CA LEU B 93 9.13 9.21 -16.91
C LEU B 93 9.40 8.85 -18.35
N ASP B 94 8.46 8.13 -18.96
CA ASP B 94 8.55 7.66 -20.34
C ASP B 94 7.59 8.44 -21.22
N TYR C 1 -13.21 0.66 14.98
CA TYR C 1 -12.53 1.02 16.28
C TYR C 1 -11.18 0.31 16.30
N MET C 2 -10.18 0.91 16.97
CA MET C 2 -8.85 0.30 17.02
C MET C 2 -8.55 -0.24 18.40
N MET C 3 -7.57 -1.14 18.46
CA MET C 3 -7.34 -2.02 19.60
C MET C 3 -6.76 -1.21 20.77
N PRO C 4 -7.36 -1.34 21.96
CA PRO C 4 -7.06 -0.62 23.21
C PRO C 4 -5.63 -0.18 23.56
N ARG C 5 -4.65 -1.07 23.52
CA ARG C 5 -3.31 -0.60 23.90
C ARG C 5 -2.22 -1.63 23.70
N HIS C 6 -2.37 -2.72 24.44
CA HIS C 6 -1.39 -3.81 24.48
C HIS C 6 -0.31 -3.60 25.50
N TRP C 7 0.23 -4.72 25.98
CA TRP C 7 1.17 -4.73 27.07
C TRP C 7 2.59 -4.44 26.50
N PRO C 8 3.45 -3.79 27.33
CA PRO C 8 4.77 -3.28 26.93
C PRO C 8 5.81 -4.15 26.18
N ILE C 9 5.57 -5.46 25.96
CA ILE C 9 6.58 -6.34 25.34
C ILE C 9 7.77 -6.73 26.29
#